data_7G9U
#
_entry.id   7G9U
#
_cell.length_a   53.863
_cell.length_b   69.688
_cell.length_c   57.300
_cell.angle_alpha   90.000
_cell.angle_beta   92.770
_cell.angle_gamma   90.000
#
_symmetry.space_group_name_H-M   'P 1 21 1'
#
loop_
_entity.id
_entity.type
_entity.pdbx_description
1 polymer 'Serine protease NS3'
2 non-polymer 1,2-ETHANEDIOL
3 non-polymer 'PHOSPHATE ION'
4 non-polymer (4S)-2-METHYL-2,4-PENTANEDIOL
5 non-polymer 2-(2-azanyl-1,3-thiazol-3-yl)-~{N}-(4-fluorophenyl)ethanamide
6 water water
#
_entity_poly.entity_id   1
_entity_poly.type   'polypeptide(L)'
_entity_poly.pdbx_seq_one_letter_code
;MLKKKQLTVLDLHPGAGKTRRVLPEIVREAIKKRLRTVILAPTRVVAAEMEEALRGLPVRYMTTAVNVTHSGTEIVDLMC
HATFTSRLLQPIRVPNYNLNIMDEAHFTDPSSIAARGYISTRVEMGEAAAIFMTATPPGTRDAFPDSNSPIMDTEVEVPE
RAWSSGFDWVTDHSGKTVWFVPSVRNGNEIAACLTKAGKRVIQLSRKTFETEFQKTKNQEWDFVITTDISEMGANFKADR
VIDSRRCLKPVILDGERVILAGPMPVTHASAAQRRGRIGRNPNKPGDEYMYGGGCAETDEGHAHWLEARMLLDNIYLQDG
LIASLYRPEADKVAAIEGEFKLRTEQRKTFVELMKRGDLPVWLAYQVASAGITYTDRRWCFDGTTNNTIMEDSVPAEVWT
KYGEKRVLKPRWMDARVCSDHAALKSFKEFAAGKR
;
_entity_poly.pdbx_strand_id   A
#
# COMPACT_ATOMS: atom_id res chain seq x y z
N MET A 1 15.79 -6.48 22.63
CA MET A 1 15.13 -6.29 21.35
C MET A 1 15.17 -7.56 20.48
N LEU A 2 16.37 -8.14 20.33
CA LEU A 2 16.57 -9.28 19.43
C LEU A 2 16.23 -10.65 20.03
N LYS A 3 15.90 -10.71 21.34
CA LYS A 3 15.54 -11.94 22.08
C LYS A 3 14.21 -12.51 21.60
N LYS A 4 14.10 -13.84 21.54
CA LYS A 4 12.85 -14.51 21.14
C LYS A 4 11.66 -14.06 22.02
N LYS A 5 10.44 -14.25 21.53
CA LYS A 5 9.20 -13.88 22.22
C LYS A 5 9.04 -12.37 22.43
N GLN A 6 9.82 -11.53 21.71
CA GLN A 6 9.66 -10.07 21.85
C GLN A 6 9.30 -9.32 20.55
N LEU A 7 8.26 -8.48 20.63
CA LEU A 7 7.86 -7.60 19.53
C LEU A 7 8.10 -6.18 20.01
N THR A 8 8.99 -5.46 19.35
CA THR A 8 9.29 -4.07 19.70
C THR A 8 8.74 -3.12 18.65
N VAL A 9 8.12 -2.03 19.07
CA VAL A 9 7.61 -1.03 18.13
C VAL A 9 8.59 0.16 18.20
N LEU A 10 9.33 0.42 17.13
CA LEU A 10 10.29 1.52 17.10
C LEU A 10 9.50 2.71 16.54
N ASP A 11 9.03 3.56 17.45
CA ASP A 11 8.13 4.65 17.08
C ASP A 11 8.75 6.05 17.10
N LEU A 12 10.02 6.21 16.69
CA LEU A 12 10.63 7.55 16.60
C LEU A 12 9.85 8.39 15.54
N HIS A 13 9.77 9.72 15.75
CA HIS A 13 9.04 10.63 14.86
C HIS A 13 9.54 10.55 13.41
N PRO A 14 8.72 10.99 12.43
CA PRO A 14 9.17 10.94 11.03
C PRO A 14 10.45 11.73 10.79
N GLY A 15 11.41 11.10 10.11
CA GLY A 15 12.71 11.70 9.84
C GLY A 15 13.75 11.54 10.94
N ALA A 16 13.40 10.84 12.05
CA ALA A 16 14.34 10.67 13.15
C ALA A 16 15.54 9.76 12.86
N GLY A 17 15.53 9.06 11.73
CA GLY A 17 16.63 8.19 11.34
C GLY A 17 16.38 6.69 11.51
N LYS A 18 15.11 6.27 11.52
CA LYS A 18 14.80 4.84 11.70
C LYS A 18 15.46 3.98 10.60
N THR A 19 15.33 4.40 9.34
CA THR A 19 15.88 3.64 8.22
C THR A 19 17.39 3.80 7.98
N ARG A 20 17.92 5.05 8.00
CA ARG A 20 19.33 5.25 7.70
C ARG A 20 20.27 5.05 8.87
N ARG A 21 19.81 5.23 10.12
CA ARG A 21 20.68 5.10 11.28
C ARG A 21 20.38 3.88 12.16
N VAL A 22 19.12 3.68 12.56
CA VAL A 22 18.78 2.59 13.47
C VAL A 22 18.83 1.22 12.78
N LEU A 23 18.21 1.12 11.61
CA LEU A 23 18.16 -0.14 10.84
C LEU A 23 19.58 -0.77 10.59
N PRO A 24 20.63 -0.05 10.13
CA PRO A 24 21.95 -0.70 9.96
C PRO A 24 22.54 -1.25 11.28
N GLU A 25 22.31 -0.55 12.42
CA GLU A 25 22.78 -0.99 13.75
C GLU A 25 22.11 -2.32 14.13
N ILE A 26 20.78 -2.40 13.92
CA ILE A 26 20.03 -3.63 14.20
C ILE A 26 20.56 -4.78 13.33
N VAL A 27 20.74 -4.52 12.04
CA VAL A 27 21.20 -5.54 11.09
C VAL A 27 22.59 -6.06 11.46
N ARG A 28 23.47 -5.14 11.87
CA ARG A 28 24.83 -5.49 12.27
C ARG A 28 24.80 -6.38 13.50
N GLU A 29 23.94 -6.04 14.48
CA GLU A 29 23.83 -6.86 15.71
C GLU A 29 23.23 -8.25 15.39
N ALA A 30 22.22 -8.29 14.52
CA ALA A 30 21.57 -9.55 14.12
C ALA A 30 22.57 -10.50 13.43
N ILE A 31 23.43 -9.96 12.51
CA ILE A 31 24.47 -10.74 11.81
C ILE A 31 25.48 -11.27 12.88
N LYS A 32 25.97 -10.39 13.79
CA LYS A 32 26.88 -10.76 14.89
C LYS A 32 26.32 -11.97 15.70
N LYS A 33 25.01 -11.97 15.99
CA LYS A 33 24.38 -13.03 16.79
C LYS A 33 23.89 -14.25 16.01
N ARG A 34 24.21 -14.32 14.70
CA ARG A 34 23.79 -15.45 13.87
C ARG A 34 22.26 -15.60 13.85
N LEU A 35 21.54 -14.49 13.72
CA LEU A 35 20.09 -14.54 13.63
C LEU A 35 19.70 -14.50 12.16
N ARG A 36 18.96 -15.52 11.68
CA ARG A 36 18.45 -15.54 10.32
C ARG A 36 17.37 -14.46 10.28
N THR A 37 17.61 -13.40 9.48
CA THR A 37 16.76 -12.22 9.54
C THR A 37 16.06 -11.83 8.25
N VAL A 38 14.82 -11.28 8.35
CA VAL A 38 14.16 -10.74 7.17
C VAL A 38 13.89 -9.26 7.43
N ILE A 39 14.09 -8.43 6.40
CA ILE A 39 13.82 -6.98 6.41
C ILE A 39 12.72 -6.78 5.34
N LEU A 40 11.58 -6.23 5.74
CA LEU A 40 10.45 -6.05 4.84
C LEU A 40 10.25 -4.57 4.48
N ALA A 41 10.39 -4.25 3.17
CA ALA A 41 10.25 -2.88 2.63
C ALA A 41 8.83 -2.71 2.06
N PRO A 42 8.17 -1.56 2.25
CA PRO A 42 6.81 -1.40 1.71
C PRO A 42 6.73 -1.40 0.18
N THR A 43 7.75 -0.80 -0.48
CA THR A 43 7.82 -0.62 -1.93
C THR A 43 9.25 -0.87 -2.47
N ARG A 44 9.37 -0.99 -3.81
CA ARG A 44 10.66 -1.17 -4.46
CA ARG A 44 10.66 -1.18 -4.46
C ARG A 44 11.54 0.07 -4.30
N VAL A 45 10.91 1.26 -4.21
CA VAL A 45 11.62 2.52 -4.02
C VAL A 45 12.28 2.51 -2.65
N VAL A 46 11.54 2.10 -1.60
CA VAL A 46 12.14 2.02 -0.26
C VAL A 46 13.22 0.93 -0.24
N ALA A 47 13.00 -0.21 -0.89
CA ALA A 47 14.01 -1.27 -0.97
C ALA A 47 15.36 -0.73 -1.53
N ALA A 48 15.30 0.14 -2.57
CA ALA A 48 16.51 0.77 -3.15
C ALA A 48 17.17 1.72 -2.15
N GLU A 49 16.38 2.50 -1.40
CA GLU A 49 16.91 3.41 -0.37
C GLU A 49 17.56 2.62 0.78
N MET A 50 17.02 1.45 1.11
CA MET A 50 17.54 0.58 2.15
C MET A 50 18.87 0.01 1.74
N GLU A 51 19.06 -0.34 0.44
CA GLU A 51 20.35 -0.85 -0.02
C GLU A 51 21.44 0.19 0.21
N GLU A 52 21.14 1.46 -0.06
CA GLU A 52 22.09 2.54 0.16
C GLU A 52 22.50 2.64 1.64
N ALA A 53 21.52 2.58 2.56
CA ALA A 53 21.80 2.65 4.00
C ALA A 53 22.52 1.42 4.52
N LEU A 54 22.30 0.25 3.88
CA LEU A 54 22.91 -1.00 4.30
C LEU A 54 24.17 -1.38 3.49
N ARG A 55 24.67 -0.50 2.61
CA ARG A 55 25.85 -0.78 1.79
C ARG A 55 27.05 -1.26 2.61
N GLY A 56 27.65 -2.37 2.17
CA GLY A 56 28.77 -2.95 2.91
C GLY A 56 28.37 -4.12 3.80
N LEU A 57 27.07 -4.21 4.17
CA LEU A 57 26.55 -5.29 5.01
C LEU A 57 26.08 -6.42 4.09
N PRO A 58 26.34 -7.67 4.49
CA PRO A 58 25.92 -8.80 3.66
C PRO A 58 24.40 -9.06 3.74
N VAL A 59 23.66 -8.52 2.77
CA VAL A 59 22.21 -8.65 2.71
C VAL A 59 21.82 -9.21 1.34
N ARG A 60 20.94 -10.24 1.32
CA ARG A 60 20.46 -10.84 0.09
C ARG A 60 19.18 -10.12 -0.33
N TYR A 61 19.24 -9.36 -1.42
CA TYR A 61 18.13 -8.56 -1.94
C TYR A 61 17.24 -9.37 -2.84
N MET A 62 16.08 -9.78 -2.32
CA MET A 62 15.11 -10.58 -3.05
C MET A 62 14.09 -9.70 -3.79
N THR A 63 14.62 -8.81 -4.65
CA THR A 63 13.89 -7.85 -5.48
C THR A 63 14.74 -7.45 -6.70
N THR A 64 14.09 -7.27 -7.88
CA THR A 64 14.85 -6.81 -9.06
C THR A 64 15.10 -5.29 -9.06
N ALA A 65 14.66 -4.57 -8.02
CA ALA A 65 14.88 -3.13 -7.90
C ALA A 65 16.33 -2.81 -7.49
N VAL A 66 17.09 -3.81 -7.00
CA VAL A 66 18.47 -3.68 -6.57
C VAL A 66 19.34 -4.53 -7.51
N ASN A 67 20.44 -3.96 -8.01
CA ASN A 67 21.37 -4.63 -8.92
C ASN A 67 22.64 -5.01 -8.15
N VAL A 68 22.63 -6.16 -7.46
CA VAL A 68 23.77 -6.61 -6.66
C VAL A 68 24.14 -8.07 -6.92
N THR A 69 25.44 -8.40 -6.85
CA THR A 69 25.89 -9.77 -7.00
C THR A 69 26.00 -10.41 -5.61
N HIS A 70 25.03 -11.28 -5.26
CA HIS A 70 25.01 -11.96 -3.97
C HIS A 70 26.03 -13.09 -3.86
N SER A 71 26.78 -13.11 -2.75
CA SER A 71 27.81 -14.11 -2.48
C SER A 71 27.29 -15.49 -2.06
N GLY A 72 26.02 -15.59 -1.69
CA GLY A 72 25.44 -16.85 -1.23
C GLY A 72 25.72 -17.19 0.23
N THR A 73 26.36 -16.29 0.96
CA THR A 73 26.64 -16.51 2.39
C THR A 73 25.84 -15.54 3.30
N GLU A 74 24.93 -14.73 2.74
CA GLU A 74 24.14 -13.77 3.53
C GLU A 74 23.13 -14.53 4.40
N ILE A 75 22.98 -14.13 5.68
CA ILE A 75 21.93 -14.68 6.55
C ILE A 75 20.77 -13.65 6.79
N VAL A 76 20.82 -12.49 6.11
CA VAL A 76 19.80 -11.46 6.16
C VAL A 76 19.20 -11.35 4.75
N ASP A 77 17.86 -11.45 4.64
CA ASP A 77 17.16 -11.28 3.36
C ASP A 77 16.35 -10.00 3.42
N LEU A 78 16.19 -9.34 2.29
CA LEU A 78 15.38 -8.13 2.20
C LEU A 78 14.39 -8.34 1.07
N MET A 79 13.12 -8.10 1.34
CA MET A 79 12.10 -8.20 0.30
C MET A 79 10.95 -7.24 0.62
N CYS A 80 10.03 -7.03 -0.33
CA CYS A 80 8.86 -6.19 -0.10
C CYS A 80 7.83 -6.89 0.78
N HIS A 81 6.97 -6.13 1.50
CA HIS A 81 5.88 -6.74 2.33
C HIS A 81 5.04 -7.75 1.48
N ALA A 82 4.63 -7.35 0.27
CA ALA A 82 3.81 -8.19 -0.63
C ALA A 82 4.52 -9.50 -1.01
N THR A 83 5.83 -9.43 -1.28
CA THR A 83 6.64 -10.61 -1.64
C THR A 83 6.67 -11.62 -0.50
N PHE A 84 6.83 -11.15 0.76
CA PHE A 84 6.82 -12.03 1.92
C PHE A 84 5.48 -12.80 2.02
N THR A 85 4.36 -12.06 1.94
CA THR A 85 3.02 -12.64 2.02
C THR A 85 2.76 -13.59 0.84
N SER A 86 3.24 -13.21 -0.34
CA SER A 86 3.09 -14.05 -1.54
C SER A 86 3.82 -15.38 -1.41
N ARG A 87 5.08 -15.33 -0.93
CA ARG A 87 5.86 -16.56 -0.77
C ARG A 87 5.25 -17.45 0.31
N LEU A 88 4.64 -16.85 1.36
CA LEU A 88 3.98 -17.65 2.39
C LEU A 88 2.81 -18.41 1.78
N LEU A 89 2.04 -17.76 0.92
CA LEU A 89 0.87 -18.36 0.26
C LEU A 89 1.20 -19.46 -0.76
N GLN A 90 2.27 -19.27 -1.52
CA GLN A 90 2.73 -20.22 -2.54
C GLN A 90 3.42 -21.46 -1.93
N PRO A 91 3.53 -22.59 -2.68
CA PRO A 91 4.18 -23.78 -2.10
C PRO A 91 5.65 -23.59 -1.68
N ILE A 92 6.31 -22.51 -2.14
CA ILE A 92 7.71 -22.19 -1.81
C ILE A 92 7.98 -22.18 -0.28
N ARG A 93 9.14 -22.73 0.11
CA ARG A 93 9.64 -22.82 1.46
C ARG A 93 10.11 -21.44 1.91
N VAL A 94 9.53 -20.92 2.99
CA VAL A 94 9.97 -19.62 3.53
C VAL A 94 10.71 -19.94 4.82
N PRO A 95 11.96 -19.47 5.01
CA PRO A 95 12.67 -19.81 6.25
C PRO A 95 11.90 -19.29 7.47
N ASN A 96 12.07 -19.97 8.60
CA ASN A 96 11.41 -19.53 9.82
C ASN A 96 12.34 -18.52 10.48
N TYR A 97 12.33 -17.25 9.98
CA TYR A 97 13.20 -16.19 10.45
C TYR A 97 13.20 -15.97 11.96
N ASN A 98 14.39 -15.90 12.58
CA ASN A 98 14.53 -15.66 14.02
C ASN A 98 14.15 -14.20 14.36
N LEU A 99 14.47 -13.27 13.45
CA LEU A 99 14.19 -11.83 13.62
C LEU A 99 13.47 -11.29 12.38
N ASN A 100 12.35 -10.61 12.60
CA ASN A 100 11.50 -10.10 11.52
C ASN A 100 11.41 -8.59 11.64
N ILE A 101 11.99 -7.85 10.72
CA ILE A 101 11.97 -6.39 10.80
C ILE A 101 11.07 -5.81 9.72
N MET A 102 10.03 -5.07 10.11
CA MET A 102 9.14 -4.48 9.13
C MET A 102 9.32 -2.96 9.12
N ASP A 103 9.81 -2.40 8.02
CA ASP A 103 9.91 -0.92 7.93
C ASP A 103 8.58 -0.40 7.36
N GLU A 104 8.19 0.83 7.75
CA GLU A 104 6.92 1.48 7.38
C GLU A 104 5.77 0.57 7.75
N ALA A 105 5.83 0.05 9.00
CA ALA A 105 4.89 -0.92 9.54
C ALA A 105 3.45 -0.39 9.68
N HIS A 106 3.18 0.87 9.32
CA HIS A 106 1.81 1.39 9.34
C HIS A 106 1.06 1.07 8.01
N PHE A 107 1.74 0.50 6.98
CA PHE A 107 1.13 0.25 5.66
C PHE A 107 -0.15 -0.58 5.79
N THR A 108 -1.30 -0.05 5.27
CA THR A 108 -2.59 -0.72 5.41
C THR A 108 -3.08 -1.53 4.19
N ASP A 109 -2.17 -1.83 3.23
CA ASP A 109 -2.55 -2.71 2.13
C ASP A 109 -2.73 -4.14 2.71
N PRO A 110 -3.65 -4.93 2.11
CA PRO A 110 -3.94 -6.27 2.66
C PRO A 110 -2.73 -7.16 2.95
N SER A 111 -1.74 -7.22 2.03
CA SER A 111 -0.56 -8.05 2.26
C SER A 111 0.32 -7.59 3.45
N SER A 112 0.33 -6.28 3.73
CA SER A 112 1.09 -5.70 4.84
C SER A 112 0.41 -6.08 6.16
N ILE A 113 -0.94 -5.96 6.23
CA ILE A 113 -1.69 -6.33 7.42
C ILE A 113 -1.50 -7.82 7.70
N ALA A 114 -1.59 -8.67 6.63
CA ALA A 114 -1.39 -10.11 6.76
C ALA A 114 0.04 -10.41 7.26
N ALA A 115 1.07 -9.76 6.69
CA ALA A 115 2.45 -9.99 7.16
C ALA A 115 2.59 -9.66 8.69
N ARG A 116 1.98 -8.55 9.15
CA ARG A 116 2.02 -8.21 10.58
C ARG A 116 1.35 -9.28 11.43
N GLY A 117 0.21 -9.78 10.97
CA GLY A 117 -0.54 -10.81 11.69
C GLY A 117 0.27 -12.10 11.85
N TYR A 118 0.87 -12.55 10.74
CA TYR A 118 1.68 -13.75 10.75
C TYR A 118 2.90 -13.59 11.69
N ILE A 119 3.66 -12.51 11.53
CA ILE A 119 4.87 -12.30 12.33
C ILE A 119 4.52 -12.17 13.82
N SER A 120 3.48 -11.38 14.13
CA SER A 120 3.08 -11.17 15.53
C SER A 120 2.58 -12.47 16.16
N THR A 121 1.96 -13.36 15.37
CA THR A 121 1.51 -14.66 15.87
C THR A 121 2.73 -15.54 16.20
N ARG A 122 3.77 -15.51 15.34
CA ARG A 122 5.00 -16.25 15.59
C ARG A 122 5.67 -15.77 16.88
N VAL A 123 5.69 -14.46 17.12
CA VAL A 123 6.25 -13.88 18.35
C VAL A 123 5.41 -14.35 19.57
N GLU A 124 4.07 -14.27 19.47
CA GLU A 124 3.15 -14.73 20.53
C GLU A 124 3.39 -16.21 20.88
N MET A 125 3.63 -17.07 19.89
CA MET A 125 3.98 -18.47 20.09
C MET A 125 5.36 -18.68 20.75
N GLY A 126 6.15 -17.62 20.88
CA GLY A 126 7.50 -17.66 21.43
C GLY A 126 8.51 -18.23 20.47
N GLU A 127 8.25 -18.12 19.17
CA GLU A 127 9.12 -18.72 18.15
C GLU A 127 10.09 -17.74 17.51
N ALA A 128 9.84 -16.43 17.61
CA ALA A 128 10.64 -15.44 16.91
C ALA A 128 10.58 -14.08 17.61
N ALA A 129 11.44 -13.15 17.17
CA ALA A 129 11.44 -11.77 17.61
C ALA A 129 10.98 -10.91 16.40
N ALA A 130 10.51 -9.71 16.68
CA ALA A 130 10.07 -8.80 15.63
C ALA A 130 10.29 -7.37 16.04
N ILE A 131 10.55 -6.52 15.06
CA ILE A 131 10.68 -5.10 15.24
C ILE A 131 9.80 -4.43 14.14
N PHE A 132 8.79 -3.63 14.56
CA PHE A 132 7.94 -2.90 13.61
C PHE A 132 8.36 -1.42 13.67
N MET A 133 8.91 -0.89 12.58
CA MET A 133 9.36 0.48 12.54
C MET A 133 8.31 1.37 11.87
N THR A 134 7.74 2.30 12.66
CA THR A 134 6.81 3.30 12.20
C THR A 134 6.65 4.42 13.21
N ALA A 135 6.57 5.64 12.72
CA ALA A 135 6.25 6.80 13.55
C ALA A 135 4.78 6.74 14.00
N THR A 136 3.90 6.05 13.25
CA THR A 136 2.46 6.04 13.50
C THR A 136 1.92 4.62 13.66
N PRO A 137 2.11 3.98 14.84
CA PRO A 137 1.58 2.61 15.01
C PRO A 137 0.05 2.56 14.98
N PRO A 138 -0.57 1.37 14.74
CA PRO A 138 -2.04 1.33 14.68
C PRO A 138 -2.71 1.88 15.92
N GLY A 139 -3.65 2.79 15.74
CA GLY A 139 -4.35 3.41 16.86
C GLY A 139 -3.88 4.79 17.26
N THR A 140 -2.79 5.28 16.65
CA THR A 140 -2.27 6.62 16.96
C THR A 140 -3.31 7.70 16.72
N ARG A 141 -3.41 8.64 17.65
CA ARG A 141 -4.39 9.73 17.62
C ARG A 141 -3.73 11.12 17.44
N ASP A 142 -2.44 11.17 17.10
CA ASP A 142 -1.75 12.46 16.94
C ASP A 142 -1.36 12.68 15.48
N ALA A 143 -2.06 13.60 14.82
CA ALA A 143 -1.77 13.95 13.43
C ALA A 143 -0.60 14.94 13.33
N PHE A 144 -0.13 15.54 14.45
CA PHE A 144 0.95 16.53 14.41
C PHE A 144 2.16 16.11 15.27
N PRO A 145 2.86 15.01 14.92
CA PRO A 145 4.01 14.59 15.74
C PRO A 145 5.24 15.48 15.57
N ASP A 146 6.30 15.20 16.35
CA ASP A 146 7.54 15.96 16.27
C ASP A 146 8.16 15.86 14.86
N SER A 147 9.02 16.82 14.51
CA SER A 147 9.72 16.81 13.22
C SER A 147 11.17 17.31 13.42
N ASN A 148 12.04 17.14 12.42
CA ASN A 148 13.43 17.61 12.53
C ASN A 148 13.53 19.13 12.59
N SER A 149 12.58 19.83 11.96
CA SER A 149 12.52 21.29 12.06
C SER A 149 11.06 21.76 12.13
N PRO A 150 10.80 22.95 12.73
CA PRO A 150 9.41 23.39 12.87
C PRO A 150 8.67 23.49 11.55
N ILE A 151 7.38 23.15 11.59
CA ILE A 151 6.49 23.19 10.46
C ILE A 151 5.38 24.21 10.69
N MET A 152 5.02 24.95 9.65
CA MET A 152 3.90 25.89 9.70
C MET A 152 2.62 25.09 9.36
N ASP A 153 1.77 24.81 10.35
CA ASP A 153 0.53 24.04 10.10
C ASP A 153 -0.62 25.02 9.88
N THR A 154 -1.35 24.91 8.73
CA THR A 154 -2.47 25.82 8.45
C THR A 154 -3.70 25.07 7.97
N GLU A 155 -4.83 25.20 8.69
CA GLU A 155 -6.09 24.62 8.26
C GLU A 155 -6.63 25.56 7.19
N VAL A 156 -6.83 25.04 5.97
CA VAL A 156 -7.29 25.86 4.85
C VAL A 156 -8.17 25.03 3.89
N GLU A 157 -9.08 25.70 3.15
CA GLU A 157 -9.89 25.01 2.15
C GLU A 157 -8.94 24.65 0.98
N VAL A 158 -8.91 23.38 0.63
CA VAL A 158 -8.05 22.86 -0.42
C VAL A 158 -8.91 22.43 -1.62
N PRO A 159 -8.55 22.87 -2.84
CA PRO A 159 -9.34 22.44 -4.01
C PRO A 159 -9.27 20.94 -4.26
N GLU A 160 -10.41 20.37 -4.65
CA GLU A 160 -10.49 18.98 -5.07
C GLU A 160 -10.99 18.90 -6.56
N ARG A 161 -11.15 20.04 -7.22
CA ARG A 161 -11.57 20.18 -8.61
C ARG A 161 -10.71 21.28 -9.22
N ALA A 162 -10.78 21.44 -10.56
CA ALA A 162 -10.12 22.57 -11.22
C ALA A 162 -10.76 23.88 -10.69
N TRP A 163 -9.97 24.96 -10.66
CA TRP A 163 -10.47 26.23 -10.14
C TRP A 163 -10.04 27.38 -11.04
N SER A 164 -10.88 28.43 -11.11
CA SER A 164 -10.58 29.64 -11.89
C SER A 164 -10.15 30.81 -10.99
N SER A 165 -10.50 30.78 -9.69
CA SER A 165 -10.20 31.83 -8.72
C SER A 165 -10.42 31.34 -7.26
N GLY A 166 -9.98 32.13 -6.28
CA GLY A 166 -10.20 31.84 -4.87
C GLY A 166 -9.11 31.07 -4.13
N PHE A 167 -8.08 30.59 -4.86
CA PHE A 167 -6.99 29.83 -4.23
C PHE A 167 -5.60 30.32 -4.71
N ASP A 168 -5.39 31.66 -4.71
CA ASP A 168 -4.12 32.25 -5.17
C ASP A 168 -2.88 31.67 -4.43
N TRP A 169 -3.01 31.33 -3.14
CA TRP A 169 -1.89 30.79 -2.35
C TRP A 169 -1.30 29.50 -2.95
N VAL A 170 -2.11 28.74 -3.70
CA VAL A 170 -1.62 27.49 -4.29
C VAL A 170 -0.56 27.72 -5.36
N THR A 171 -0.85 28.63 -6.30
CA THR A 171 0.05 28.88 -7.43
C THR A 171 1.06 30.01 -7.19
N ASP A 172 0.80 30.90 -6.23
CA ASP A 172 1.73 32.01 -5.96
C ASP A 172 3.09 31.53 -5.39
N HIS A 173 3.13 30.36 -4.80
CA HIS A 173 4.30 29.70 -4.22
C HIS A 173 5.41 29.46 -5.24
N SER A 174 6.67 29.64 -4.81
CA SER A 174 7.80 29.46 -5.74
C SER A 174 8.68 28.22 -5.45
N GLY A 175 8.28 27.38 -4.52
CA GLY A 175 9.04 26.18 -4.19
C GLY A 175 8.46 24.91 -4.76
N LYS A 176 8.70 23.78 -4.09
CA LYS A 176 8.20 22.48 -4.52
C LYS A 176 7.14 21.97 -3.54
N THR A 177 6.00 21.57 -4.09
CA THR A 177 4.84 21.12 -3.32
C THR A 177 4.51 19.67 -3.58
N VAL A 178 4.21 18.92 -2.52
CA VAL A 178 3.72 17.55 -2.62
C VAL A 178 2.23 17.62 -2.22
N TRP A 179 1.33 17.24 -3.12
CA TRP A 179 -0.09 17.39 -2.90
C TRP A 179 -0.76 16.02 -2.85
N PHE A 180 -1.36 15.67 -1.71
CA PHE A 180 -2.05 14.39 -1.53
C PHE A 180 -3.53 14.53 -1.88
N VAL A 181 -3.95 13.79 -2.92
CA VAL A 181 -5.33 13.79 -3.42
C VAL A 181 -6.05 12.48 -3.04
N PRO A 182 -7.41 12.45 -3.00
CA PRO A 182 -8.09 11.20 -2.58
C PRO A 182 -8.13 10.09 -3.63
N SER A 183 -7.87 10.41 -4.92
CA SER A 183 -7.93 9.39 -5.98
C SER A 183 -7.13 9.77 -7.22
N VAL A 184 -6.82 8.79 -8.08
CA VAL A 184 -6.10 9.04 -9.34
C VAL A 184 -6.88 10.03 -10.22
N ARG A 185 -8.21 9.83 -10.36
CA ARG A 185 -9.05 10.70 -11.18
C ARG A 185 -9.05 12.13 -10.66
N ASN A 186 -9.14 12.31 -9.32
CA ASN A 186 -9.10 13.67 -8.76
CA ASN A 186 -9.07 13.63 -8.71
C ASN A 186 -7.74 14.31 -9.04
N GLY A 187 -6.66 13.54 -8.93
CA GLY A 187 -5.31 14.04 -9.22
C GLY A 187 -5.17 14.48 -10.66
N ASN A 188 -5.75 13.72 -11.63
CA ASN A 188 -5.71 14.07 -13.06
C ASN A 188 -6.28 15.48 -13.30
N GLU A 189 -7.44 15.80 -12.69
CA GLU A 189 -8.10 17.10 -12.82
C GLU A 189 -7.28 18.28 -12.25
N ILE A 190 -6.71 18.08 -11.05
CA ILE A 190 -5.91 19.13 -10.43
C ILE A 190 -4.61 19.30 -11.23
N ALA A 191 -3.99 18.19 -11.64
CA ALA A 191 -2.75 18.24 -12.45
C ALA A 191 -2.96 19.00 -13.75
N ALA A 192 -4.09 18.76 -14.45
CA ALA A 192 -4.43 19.50 -15.67
C ALA A 192 -4.62 21.01 -15.38
N CYS A 193 -5.25 21.35 -14.26
CA CYS A 193 -5.47 22.75 -13.90
C CYS A 193 -4.12 23.45 -13.67
N LEU A 194 -3.21 22.79 -12.92
CA LEU A 194 -1.88 23.33 -12.62
C LEU A 194 -1.02 23.39 -13.89
N THR A 195 -1.07 22.38 -14.76
CA THR A 195 -0.30 22.40 -16.01
C THR A 195 -0.77 23.57 -16.89
N LYS A 196 -2.08 23.83 -16.95
CA LYS A 196 -2.61 24.96 -17.71
C LYS A 196 -2.14 26.29 -17.13
N ALA A 197 -1.86 26.36 -15.82
CA ALA A 197 -1.34 27.59 -15.21
C ALA A 197 0.18 27.78 -15.35
N GLY A 198 0.87 26.84 -15.99
CA GLY A 198 2.32 26.94 -16.21
C GLY A 198 3.19 26.12 -15.28
N LYS A 199 2.56 25.24 -14.46
CA LYS A 199 3.33 24.43 -13.51
C LYS A 199 3.79 23.11 -14.11
N ARG A 200 4.95 22.61 -13.66
CA ARG A 200 5.47 21.29 -14.05
C ARG A 200 4.99 20.31 -13.00
N VAL A 201 4.20 19.32 -13.44
CA VAL A 201 3.56 18.40 -12.54
C VAL A 201 3.96 16.95 -12.79
N ILE A 202 4.23 16.20 -11.71
CA ILE A 202 4.48 14.76 -11.78
C ILE A 202 3.32 14.08 -10.99
N GLN A 203 2.75 12.98 -11.52
CA GLN A 203 1.67 12.29 -10.81
C GLN A 203 2.13 10.92 -10.35
N LEU A 204 1.84 10.56 -9.09
CA LEU A 204 2.19 9.26 -8.54
C LEU A 204 0.97 8.50 -8.07
N SER A 205 0.98 7.18 -8.28
CA SER A 205 -0.07 6.26 -7.83
C SER A 205 0.58 4.88 -7.66
N ARG A 206 -0.11 3.93 -7.02
CA ARG A 206 0.44 2.58 -6.83
C ARG A 206 0.95 1.93 -8.12
N LYS A 207 0.20 2.03 -9.23
CA LYS A 207 0.59 1.39 -10.48
C LYS A 207 1.76 2.04 -11.19
N THR A 208 1.93 3.37 -11.08
CA THR A 208 3.02 4.05 -11.78
C THR A 208 4.18 4.45 -10.86
N PHE A 209 4.14 4.11 -9.57
CA PHE A 209 5.08 4.56 -8.54
C PHE A 209 6.57 4.45 -8.87
N GLU A 210 7.08 3.24 -9.18
CA GLU A 210 8.52 3.09 -9.43
C GLU A 210 9.03 3.92 -10.60
N THR A 211 8.29 3.94 -11.72
CA THR A 211 8.72 4.69 -12.89
C THR A 211 8.64 6.21 -12.70
N GLU A 212 7.50 6.71 -12.23
CA GLU A 212 7.30 8.14 -12.08
C GLU A 212 8.08 8.76 -10.92
N PHE A 213 8.42 7.95 -9.89
CA PHE A 213 9.18 8.52 -8.76
C PHE A 213 10.57 8.96 -9.22
N GLN A 214 11.17 8.24 -10.18
CA GLN A 214 12.49 8.61 -10.73
C GLN A 214 12.53 10.03 -11.28
N LYS A 215 11.39 10.50 -11.85
CA LYS A 215 11.27 11.85 -12.39
C LYS A 215 11.44 12.94 -11.32
N THR A 216 11.14 12.61 -10.05
CA THR A 216 11.34 13.58 -8.97
C THR A 216 12.83 13.89 -8.74
N LYS A 217 13.73 12.98 -9.16
CA LYS A 217 15.17 13.14 -9.01
C LYS A 217 15.83 13.62 -10.31
N ASN A 218 15.34 13.13 -11.46
CA ASN A 218 15.89 13.39 -12.80
C ASN A 218 15.49 14.72 -13.44
N GLN A 219 14.44 15.38 -12.95
CA GLN A 219 14.02 16.65 -13.56
C GLN A 219 13.46 17.65 -12.59
N GLU A 220 13.41 18.92 -13.02
CA GLU A 220 12.85 19.98 -12.22
C GLU A 220 11.33 19.89 -12.24
N TRP A 221 10.73 20.06 -11.09
CA TRP A 221 9.28 19.99 -10.96
C TRP A 221 8.78 21.04 -9.98
N ASP A 222 7.51 21.41 -10.10
CA ASP A 222 6.88 22.36 -9.20
C ASP A 222 5.91 21.62 -8.26
N PHE A 223 5.15 20.65 -8.80
CA PHE A 223 4.20 19.90 -8.00
C PHE A 223 4.31 18.41 -8.21
N VAL A 224 4.13 17.64 -7.12
CA VAL A 224 3.98 16.18 -7.19
C VAL A 224 2.50 15.96 -6.73
N ILE A 225 1.67 15.34 -7.56
CA ILE A 225 0.28 15.05 -7.21
C ILE A 225 0.29 13.56 -6.92
N THR A 226 -0.09 13.15 -5.71
CA THR A 226 0.00 11.75 -5.34
C THR A 226 -1.17 11.25 -4.54
N THR A 227 -1.43 9.95 -4.64
CA THR A 227 -2.40 9.29 -3.78
C THR A 227 -1.66 8.93 -2.44
N ASP A 228 -2.35 8.24 -1.53
CA ASP A 228 -1.84 7.81 -0.24
C ASP A 228 -0.58 6.91 -0.29
N ILE A 229 -0.16 6.40 -1.49
CA ILE A 229 1.04 5.54 -1.56
C ILE A 229 2.31 6.30 -1.12
N SER A 230 2.33 7.65 -1.28
CA SER A 230 3.51 8.41 -0.84
C SER A 230 3.63 8.56 0.68
N GLU A 231 2.66 8.02 1.47
CA GLU A 231 2.77 7.95 2.92
C GLU A 231 3.81 6.88 3.34
N MET A 232 4.20 5.97 2.44
CA MET A 232 5.06 4.83 2.78
C MET A 232 6.55 5.03 2.54
N GLY A 233 7.13 6.06 3.15
CA GLY A 233 8.57 6.28 3.12
C GLY A 233 9.16 6.89 1.87
N ALA A 234 8.32 7.45 0.99
CA ALA A 234 8.82 8.13 -0.21
C ALA A 234 9.35 9.48 0.26
N ASN A 235 10.56 9.87 -0.16
CA ASN A 235 11.10 11.15 0.26
C ASN A 235 11.30 12.10 -0.88
N PHE A 236 10.96 13.35 -0.60
CA PHE A 236 11.01 14.43 -1.56
C PHE A 236 11.83 15.56 -0.92
N LYS A 237 12.39 16.43 -1.74
CA LYS A 237 13.13 17.58 -1.19
C LYS A 237 12.20 18.75 -1.41
N ALA A 238 11.04 18.72 -0.75
CA ALA A 238 10.00 19.72 -0.95
C ALA A 238 9.92 20.76 0.18
N ASP A 239 9.29 21.90 -0.10
CA ASP A 239 9.10 23.02 0.85
C ASP A 239 7.66 23.01 1.43
N ARG A 240 6.71 22.33 0.77
CA ARG A 240 5.32 22.41 1.21
C ARG A 240 4.56 21.12 0.92
N VAL A 241 3.61 20.81 1.79
CA VAL A 241 2.67 19.71 1.55
C VAL A 241 1.27 20.32 1.53
N ILE A 242 0.47 19.99 0.52
CA ILE A 242 -0.93 20.37 0.48
C ILE A 242 -1.65 19.03 0.70
N ASP A 243 -2.52 18.97 1.70
CA ASP A 243 -3.20 17.71 2.01
C ASP A 243 -4.71 17.87 2.04
N SER A 244 -5.40 17.24 1.08
CA SER A 244 -6.86 17.26 1.05
C SER A 244 -7.44 16.63 2.33
N ARG A 245 -6.66 15.78 3.04
CA ARG A 245 -7.09 15.04 4.23
C ARG A 245 -8.20 14.02 3.89
N ARG A 246 -8.28 13.60 2.59
CA ARG A 246 -9.32 12.68 2.14
C ARG A 246 -8.75 11.48 1.41
N CYS A 247 -9.52 10.40 1.45
CA CYS A 247 -9.15 9.13 0.84
C CYS A 247 -10.41 8.39 0.41
N LEU A 248 -10.27 7.38 -0.47
CA LEU A 248 -11.39 6.50 -0.81
C LEU A 248 -11.26 5.28 0.12
N LYS A 249 -12.39 4.66 0.44
CA LYS A 249 -12.42 3.52 1.34
C LYS A 249 -13.16 2.38 0.63
N PRO A 250 -12.49 1.26 0.33
CA PRO A 250 -13.23 0.13 -0.25
C PRO A 250 -14.12 -0.46 0.86
N VAL A 251 -15.40 -0.66 0.56
CA VAL A 251 -16.41 -1.17 1.48
C VAL A 251 -17.15 -2.34 0.85
N ILE A 252 -17.21 -3.47 1.56
CA ILE A 252 -17.97 -4.62 1.05
C ILE A 252 -19.44 -4.44 1.47
N LEU A 253 -20.37 -4.36 0.50
CA LEU A 253 -21.80 -4.19 0.75
C LEU A 253 -22.54 -5.52 0.67
N ASP A 254 -23.28 -5.88 1.73
CA ASP A 254 -24.05 -7.13 1.81
C ASP A 254 -23.28 -8.39 1.46
N GLY A 255 -21.97 -8.37 1.64
CA GLY A 255 -21.07 -9.48 1.32
C GLY A 255 -21.07 -9.87 -0.15
N GLU A 256 -21.59 -9.01 -1.05
CA GLU A 256 -21.71 -9.38 -2.48
C GLU A 256 -21.07 -8.40 -3.50
N ARG A 257 -20.65 -7.22 -3.06
CA ARG A 257 -20.02 -6.25 -3.97
C ARG A 257 -19.09 -5.33 -3.20
N VAL A 258 -18.11 -4.72 -3.89
CA VAL A 258 -17.22 -3.76 -3.24
C VAL A 258 -17.40 -2.43 -3.94
N ILE A 259 -17.63 -1.37 -3.17
CA ILE A 259 -17.73 -0.03 -3.72
C ILE A 259 -16.57 0.80 -3.15
N LEU A 260 -16.24 1.91 -3.81
CA LEU A 260 -15.25 2.85 -3.30
C LEU A 260 -16.01 4.03 -2.67
N ALA A 261 -16.16 3.99 -1.33
CA ALA A 261 -16.91 4.98 -0.58
C ALA A 261 -16.07 6.23 -0.37
N GLY A 262 -16.73 7.36 -0.29
CA GLY A 262 -16.05 8.63 -0.06
C GLY A 262 -15.99 9.53 -1.29
N PRO A 263 -14.98 10.42 -1.38
CA PRO A 263 -13.85 10.61 -0.46
C PRO A 263 -14.29 10.95 0.96
N MET A 264 -13.54 10.43 1.94
CA MET A 264 -13.82 10.62 3.35
C MET A 264 -12.52 10.90 4.12
N PRO A 265 -12.62 11.35 5.39
CA PRO A 265 -11.38 11.72 6.12
C PRO A 265 -10.35 10.61 6.23
N VAL A 266 -9.06 11.00 6.20
CA VAL A 266 -7.99 10.04 6.43
C VAL A 266 -7.88 9.74 7.95
N THR A 267 -7.13 8.66 8.31
CA THR A 267 -6.82 8.41 9.73
C THR A 267 -5.78 9.45 10.23
N HIS A 268 -5.61 9.55 11.56
CA HIS A 268 -4.55 10.41 12.13
C HIS A 268 -3.17 9.89 11.69
N ALA A 269 -3.01 8.55 11.57
CA ALA A 269 -1.73 7.98 11.11
C ALA A 269 -1.39 8.48 9.70
N SER A 270 -2.39 8.45 8.78
CA SER A 270 -2.18 8.90 7.40
C SER A 270 -1.89 10.38 7.38
N ALA A 271 -2.65 11.19 8.11
CA ALA A 271 -2.36 12.65 8.17
C ALA A 271 -0.95 12.97 8.64
N ALA A 272 -0.48 12.27 9.71
CA ALA A 272 0.87 12.48 10.25
C ALA A 272 1.93 12.08 9.23
N GLN A 273 1.71 10.98 8.50
CA GLN A 273 2.66 10.56 7.46
C GLN A 273 2.69 11.51 6.26
N ARG A 274 1.54 12.09 5.88
CA ARG A 274 1.45 13.04 4.76
C ARG A 274 2.22 14.31 5.16
N ARG A 275 1.93 14.83 6.36
CA ARG A 275 2.64 16.00 6.89
C ARG A 275 4.13 15.72 7.03
N GLY A 276 4.45 14.50 7.50
CA GLY A 276 5.82 14.03 7.72
C GLY A 276 6.74 14.05 6.51
N ARG A 277 6.18 14.29 5.28
CA ARG A 277 7.03 14.42 4.09
C ARG A 277 7.89 15.68 4.19
N ILE A 278 7.45 16.71 4.96
CA ILE A 278 8.20 17.98 5.07
C ILE A 278 8.61 18.21 6.56
N GLY A 279 9.41 19.24 6.83
CA GLY A 279 9.95 19.48 8.16
C GLY A 279 11.09 18.49 8.48
N ARG A 280 11.63 17.79 7.46
CA ARG A 280 12.68 16.77 7.68
C ARG A 280 14.11 17.30 7.73
N ASN A 281 14.31 18.55 7.30
CA ASN A 281 15.68 19.12 7.27
C ASN A 281 15.84 20.10 8.42
N PRO A 282 16.72 19.80 9.39
CA PRO A 282 16.92 20.76 10.50
C PRO A 282 17.50 22.11 10.05
N ASN A 283 18.11 22.18 8.86
CA ASN A 283 18.65 23.44 8.33
C ASN A 283 17.60 24.32 7.61
N LYS A 284 16.37 23.82 7.42
CA LYS A 284 15.32 24.58 6.75
C LYS A 284 14.02 24.55 7.58
N PRO A 285 13.98 25.34 8.66
CA PRO A 285 12.74 25.44 9.44
C PRO A 285 11.68 26.19 8.66
N GLY A 286 10.42 25.94 8.97
CA GLY A 286 9.34 26.68 8.32
C GLY A 286 8.80 26.11 7.03
N ASP A 287 8.99 24.79 6.79
CA ASP A 287 8.29 24.11 5.67
C ASP A 287 6.76 24.19 6.01
N GLU A 288 5.91 24.22 5.00
CA GLU A 288 4.48 24.44 5.22
C GLU A 288 3.65 23.19 5.06
N TYR A 289 2.61 23.06 5.91
CA TYR A 289 1.65 21.96 5.79
C TYR A 289 0.25 22.57 5.78
N MET A 290 -0.39 22.55 4.61
CA MET A 290 -1.74 23.10 4.43
C MET A 290 -2.71 21.95 4.43
N TYR A 291 -3.69 21.93 5.34
CA TYR A 291 -4.59 20.78 5.41
C TYR A 291 -6.07 21.18 5.27
N GLY A 292 -6.85 20.37 4.52
CA GLY A 292 -8.22 20.69 4.12
C GLY A 292 -9.39 19.98 4.77
N GLY A 293 -9.17 19.39 5.93
CA GLY A 293 -10.23 18.70 6.66
C GLY A 293 -9.71 17.99 7.90
N GLY A 294 -10.61 17.42 8.68
CA GLY A 294 -10.24 16.71 9.89
C GLY A 294 -9.88 15.25 9.66
N CYS A 295 -9.52 14.53 10.73
CA CYS A 295 -9.17 13.10 10.69
C CYS A 295 -10.29 12.29 11.29
N ALA A 296 -10.36 11.01 10.93
CA ALA A 296 -11.35 10.11 11.51
C ALA A 296 -10.81 8.68 11.38
N GLU A 297 -11.31 7.75 12.22
CA GLU A 297 -10.79 6.38 12.13
CA GLU A 297 -10.92 6.33 12.23
C GLU A 297 -11.60 5.61 11.05
N THR A 298 -11.28 5.98 9.81
CA THR A 298 -11.94 5.38 8.64
C THR A 298 -11.40 4.00 8.26
N ASP A 299 -10.44 3.44 9.05
CA ASP A 299 -9.98 2.07 8.83
C ASP A 299 -10.94 1.02 9.39
N GLU A 300 -11.86 1.41 10.28
CA GLU A 300 -12.85 0.47 10.84
C GLU A 300 -13.81 0.13 9.71
N GLY A 301 -13.98 -1.17 9.42
CA GLY A 301 -14.87 -1.62 8.35
C GLY A 301 -14.31 -1.44 6.94
N HIS A 302 -13.04 -1.09 6.82
CA HIS A 302 -12.37 -0.91 5.52
C HIS A 302 -12.12 -2.34 4.97
N ALA A 303 -12.41 -2.59 3.68
CA ALA A 303 -12.24 -3.94 3.07
C ALA A 303 -10.87 -4.56 3.28
N HIS A 304 -9.79 -3.75 3.35
CA HIS A 304 -8.45 -4.31 3.49
C HIS A 304 -8.26 -5.25 4.69
N TRP A 305 -8.95 -5.02 5.82
CA TRP A 305 -8.77 -5.89 7.01
C TRP A 305 -9.48 -7.26 6.80
N LEU A 306 -10.61 -7.27 6.09
CA LEU A 306 -11.30 -8.52 5.75
C LEU A 306 -10.42 -9.29 4.73
N GLU A 307 -9.87 -8.54 3.73
CA GLU A 307 -8.95 -9.13 2.74
C GLU A 307 -7.70 -9.73 3.43
N ALA A 308 -7.17 -9.06 4.46
CA ALA A 308 -6.03 -9.60 5.22
C ALA A 308 -6.38 -10.96 5.88
N ARG A 309 -7.62 -11.10 6.40
CA ARG A 309 -8.08 -12.39 6.96
C ARG A 309 -8.18 -13.46 5.87
N MET A 310 -8.62 -13.09 4.65
CA MET A 310 -8.68 -14.05 3.53
C MET A 310 -7.26 -14.56 3.23
N LEU A 311 -6.27 -13.66 3.28
CA LEU A 311 -4.89 -14.07 3.04
C LEU A 311 -4.40 -14.99 4.19
N LEU A 312 -4.57 -14.57 5.46
CA LEU A 312 -4.11 -15.34 6.62
C LEU A 312 -4.75 -16.72 6.80
N ASP A 313 -6.01 -16.83 6.41
CA ASP A 313 -6.72 -18.12 6.49
C ASP A 313 -6.13 -19.16 5.53
N ASN A 314 -5.36 -18.70 4.52
CA ASN A 314 -4.78 -19.58 3.53
C ASN A 314 -3.25 -19.71 3.66
N ILE A 315 -2.68 -19.34 4.82
CA ILE A 315 -1.26 -19.47 5.08
C ILE A 315 -1.08 -20.53 6.15
N TYR A 316 -0.27 -21.54 5.88
CA TYR A 316 0.02 -22.59 6.86
C TYR A 316 0.85 -22.00 7.99
N LEU A 317 0.47 -22.27 9.23
CA LEU A 317 1.21 -21.79 10.39
C LEU A 317 1.78 -23.02 11.14
N GLN A 318 0.89 -23.94 11.56
CA GLN A 318 1.17 -25.18 12.26
C GLN A 318 -0.15 -25.96 12.32
N ASP A 319 -0.18 -27.21 11.82
CA ASP A 319 -1.36 -28.07 11.77
C ASP A 319 -2.62 -27.31 11.23
N GLY A 320 -3.72 -27.27 11.98
CA GLY A 320 -4.91 -26.53 11.55
C GLY A 320 -4.97 -25.11 12.12
N LEU A 321 -3.91 -24.67 12.84
CA LEU A 321 -3.84 -23.34 13.45
C LEU A 321 -3.75 -22.22 12.44
N ILE A 322 -4.30 -21.06 12.79
CA ILE A 322 -4.37 -19.92 11.89
C ILE A 322 -3.88 -18.63 12.56
N ALA A 323 -3.03 -17.88 11.86
CA ALA A 323 -2.52 -16.62 12.40
C ALA A 323 -3.61 -15.58 12.60
N SER A 324 -3.53 -14.90 13.72
CA SER A 324 -4.48 -13.84 14.04
C SER A 324 -3.91 -12.52 13.53
N LEU A 325 -4.79 -11.50 13.38
CA LEU A 325 -4.29 -10.16 13.07
C LEU A 325 -3.48 -9.63 14.26
N TYR A 326 -2.52 -8.72 14.00
CA TYR A 326 -1.74 -8.02 15.03
C TYR A 326 -2.75 -7.32 15.98
N ARG A 327 -2.63 -7.60 17.27
CA ARG A 327 -3.62 -7.21 18.28
C ARG A 327 -4.16 -5.76 18.14
N PRO A 328 -3.37 -4.68 18.04
CA PRO A 328 -3.96 -3.34 17.94
C PRO A 328 -4.83 -3.07 16.72
N GLU A 329 -4.78 -3.92 15.66
CA GLU A 329 -5.63 -3.69 14.50
C GLU A 329 -6.68 -4.78 14.27
N ALA A 330 -6.81 -5.73 15.21
CA ALA A 330 -7.72 -6.86 15.13
C ALA A 330 -9.22 -6.48 15.15
N ASP A 331 -9.63 -5.42 15.86
CA ASP A 331 -11.05 -5.02 15.90
C ASP A 331 -11.53 -4.27 14.66
N LYS A 332 -10.66 -4.01 13.69
CA LYS A 332 -11.06 -3.31 12.48
C LYS A 332 -11.99 -4.12 11.58
N VAL A 333 -12.12 -5.43 11.85
CA VAL A 333 -12.98 -6.31 11.06
C VAL A 333 -13.72 -7.29 11.98
N ALA A 334 -14.96 -7.66 11.61
CA ALA A 334 -15.71 -8.66 12.36
C ALA A 334 -15.62 -9.93 11.49
N ALA A 335 -14.75 -10.87 11.87
CA ALA A 335 -14.57 -12.08 11.07
C ALA A 335 -14.34 -13.31 11.96
N ILE A 336 -14.58 -14.50 11.42
CA ILE A 336 -14.32 -15.74 12.15
C ILE A 336 -13.00 -16.28 11.60
N GLU A 337 -11.98 -16.50 12.46
CA GLU A 337 -10.72 -17.07 11.99
C GLU A 337 -10.93 -18.43 11.34
N GLY A 338 -10.42 -18.59 10.13
CA GLY A 338 -10.63 -19.81 9.37
C GLY A 338 -11.81 -19.81 8.41
N GLU A 339 -12.69 -18.79 8.48
CA GLU A 339 -13.87 -18.78 7.60
C GLU A 339 -13.52 -18.74 6.10
N PHE A 340 -12.31 -18.25 5.74
CA PHE A 340 -11.93 -18.14 4.32
C PHE A 340 -10.93 -19.24 3.90
N LYS A 341 -10.70 -20.27 4.74
CA LYS A 341 -9.73 -21.31 4.41
C LYS A 341 -10.20 -22.12 3.22
N LEU A 342 -9.42 -22.14 2.15
CA LEU A 342 -9.80 -22.88 0.94
C LEU A 342 -9.09 -24.23 0.85
N ARG A 343 -9.72 -25.17 0.15
CA ARG A 343 -9.10 -26.47 -0.16
C ARG A 343 -7.91 -26.25 -1.16
N THR A 344 -6.96 -27.21 -1.23
CA THR A 344 -5.72 -27.09 -2.01
C THR A 344 -5.92 -26.48 -3.43
N GLU A 345 -6.80 -27.04 -4.26
CA GLU A 345 -6.99 -26.56 -5.62
C GLU A 345 -7.59 -25.16 -5.70
N GLN A 346 -8.60 -24.86 -4.87
CA GLN A 346 -9.18 -23.51 -4.88
C GLN A 346 -8.18 -22.48 -4.36
N ARG A 347 -7.30 -22.88 -3.42
CA ARG A 347 -6.29 -21.98 -2.89
C ARG A 347 -5.30 -21.62 -3.99
N LYS A 348 -4.92 -22.58 -4.83
CA LYS A 348 -4.00 -22.31 -5.93
C LYS A 348 -4.64 -21.34 -6.94
N THR A 349 -5.93 -21.49 -7.21
CA THR A 349 -6.68 -20.60 -8.10
C THR A 349 -6.68 -19.16 -7.49
N PHE A 350 -6.99 -19.08 -6.18
CA PHE A 350 -7.01 -17.80 -5.43
C PHE A 350 -5.68 -17.05 -5.58
N VAL A 351 -4.55 -17.74 -5.33
CA VAL A 351 -3.22 -17.17 -5.47
C VAL A 351 -2.95 -16.70 -6.93
N GLU A 352 -3.25 -17.56 -7.92
CA GLU A 352 -3.01 -17.19 -9.32
C GLU A 352 -3.86 -15.99 -9.76
N LEU A 353 -5.11 -15.91 -9.30
CA LEU A 353 -5.97 -14.76 -9.65
C LEU A 353 -5.36 -13.44 -9.11
N MET A 354 -4.68 -13.49 -7.94
CA MET A 354 -4.05 -12.27 -7.40
C MET A 354 -2.70 -12.02 -8.07
N LYS A 355 -1.85 -13.04 -8.17
CA LYS A 355 -0.48 -12.88 -8.65
C LYS A 355 -0.42 -12.63 -10.18
N ARG A 356 -1.01 -13.50 -10.97
CA ARG A 356 -1.01 -13.32 -12.43
C ARG A 356 -2.22 -12.47 -12.89
N GLY A 357 -3.39 -12.74 -12.33
CA GLY A 357 -4.59 -12.03 -12.73
C GLY A 357 -4.62 -10.57 -12.31
N ASP A 358 -3.84 -10.21 -11.27
CA ASP A 358 -3.79 -8.86 -10.69
C ASP A 358 -5.16 -8.40 -10.18
N LEU A 359 -5.96 -9.34 -9.69
CA LEU A 359 -7.28 -8.99 -9.16
C LEU A 359 -7.18 -8.62 -7.69
N PRO A 360 -8.08 -7.74 -7.21
CA PRO A 360 -8.14 -7.48 -5.76
C PRO A 360 -8.41 -8.77 -4.98
N VAL A 361 -7.88 -8.86 -3.74
CA VAL A 361 -8.05 -10.06 -2.89
C VAL A 361 -9.54 -10.52 -2.79
N TRP A 362 -10.44 -9.59 -2.45
CA TRP A 362 -11.88 -9.94 -2.28
C TRP A 362 -12.45 -10.60 -3.56
N LEU A 363 -12.14 -9.99 -4.72
CA LEU A 363 -12.66 -10.50 -5.99
C LEU A 363 -12.04 -11.84 -6.34
N ALA A 364 -10.73 -12.00 -6.12
CA ALA A 364 -10.05 -13.29 -6.36
C ALA A 364 -10.69 -14.40 -5.49
N TYR A 365 -11.02 -14.05 -4.24
CA TYR A 365 -11.65 -15.02 -3.32
C TYR A 365 -13.03 -15.45 -3.82
N GLN A 366 -13.87 -14.51 -4.29
CA GLN A 366 -15.21 -14.87 -4.78
C GLN A 366 -15.13 -15.89 -5.92
N VAL A 367 -14.20 -15.64 -6.86
CA VAL A 367 -14.02 -16.53 -8.03
C VAL A 367 -13.52 -17.91 -7.60
N ALA A 368 -12.42 -17.96 -6.84
CA ALA A 368 -11.82 -19.21 -6.37
C ALA A 368 -12.79 -20.03 -5.49
N SER A 369 -13.49 -19.39 -4.54
CA SER A 369 -14.43 -20.09 -3.65
C SER A 369 -15.67 -20.62 -4.40
N ALA A 370 -15.99 -20.05 -5.56
CA ALA A 370 -17.09 -20.54 -6.40
C ALA A 370 -16.68 -21.81 -7.22
N GLY A 371 -15.42 -22.25 -7.12
CA GLY A 371 -14.92 -23.42 -7.84
C GLY A 371 -14.58 -23.18 -9.30
N ILE A 372 -14.39 -21.92 -9.68
CA ILE A 372 -14.04 -21.53 -11.04
C ILE A 372 -12.52 -21.63 -11.18
N THR A 373 -12.01 -22.19 -12.30
CA THR A 373 -10.56 -22.30 -12.54
C THR A 373 -10.01 -20.97 -13.09
N TYR A 374 -8.71 -20.77 -12.96
CA TYR A 374 -8.07 -19.51 -13.32
C TYR A 374 -8.43 -18.99 -14.70
N THR A 375 -8.36 -19.85 -15.74
CA THR A 375 -8.55 -19.39 -17.13
C THR A 375 -10.01 -19.26 -17.55
N ASP A 376 -10.96 -19.65 -16.71
CA ASP A 376 -12.38 -19.59 -17.06
C ASP A 376 -12.92 -18.20 -16.81
N ARG A 377 -13.20 -17.42 -17.88
CA ARG A 377 -13.62 -16.03 -17.73
C ARG A 377 -15.10 -15.78 -18.01
N ARG A 378 -15.92 -16.85 -18.06
CA ARG A 378 -17.36 -16.70 -18.27
C ARG A 378 -18.02 -15.80 -17.23
N TRP A 379 -17.54 -15.85 -15.97
CA TRP A 379 -18.04 -14.99 -14.88
C TRP A 379 -17.89 -13.48 -15.15
N CYS A 380 -16.94 -13.06 -16.04
CA CYS A 380 -16.80 -11.62 -16.35
C CYS A 380 -17.99 -11.08 -17.18
N PHE A 381 -18.88 -11.96 -17.68
CA PHE A 381 -19.94 -11.56 -18.58
C PHE A 381 -21.35 -11.96 -18.15
N ASP A 382 -21.48 -12.81 -17.13
CA ASP A 382 -22.80 -13.35 -16.77
C ASP A 382 -23.42 -12.77 -15.51
N GLY A 383 -23.00 -11.59 -15.10
CA GLY A 383 -23.59 -10.93 -13.94
C GLY A 383 -24.92 -10.26 -14.26
N THR A 384 -25.52 -9.62 -13.25
CA THR A 384 -26.78 -8.90 -13.46
C THR A 384 -26.51 -7.58 -14.17
N THR A 385 -27.55 -7.03 -14.80
CA THR A 385 -27.51 -5.76 -15.52
C THR A 385 -26.95 -4.62 -14.65
N ASN A 386 -27.22 -4.61 -13.33
CA ASN A 386 -26.68 -3.56 -12.45
C ASN A 386 -25.15 -3.65 -12.27
N ASN A 387 -24.54 -4.81 -12.62
CA ASN A 387 -23.08 -5.00 -12.58
C ASN A 387 -22.36 -4.59 -13.89
N THR A 388 -23.10 -4.01 -14.86
CA THR A 388 -22.54 -3.52 -16.12
C THR A 388 -21.47 -2.47 -15.87
N ILE A 389 -20.25 -2.70 -16.38
CA ILE A 389 -19.17 -1.74 -16.22
C ILE A 389 -19.28 -0.67 -17.28
N MET A 390 -19.24 0.60 -16.88
CA MET A 390 -19.39 1.70 -17.81
C MET A 390 -18.06 2.33 -18.18
N GLU A 391 -17.92 2.73 -19.44
CA GLU A 391 -16.72 3.40 -19.94
CA GLU A 391 -16.72 3.39 -19.97
C GLU A 391 -17.22 4.55 -20.80
N ASP A 392 -16.96 5.80 -20.37
CA ASP A 392 -17.42 7.00 -21.08
C ASP A 392 -18.96 7.04 -21.16
N SER A 393 -19.65 6.68 -20.08
CA SER A 393 -21.11 6.69 -19.98
C SER A 393 -21.82 5.71 -20.92
N VAL A 394 -21.10 4.71 -21.47
CA VAL A 394 -21.66 3.67 -22.34
C VAL A 394 -21.10 2.30 -21.85
N PRO A 395 -21.88 1.18 -21.86
CA PRO A 395 -21.33 -0.10 -21.39
C PRO A 395 -20.00 -0.49 -22.04
N ALA A 396 -19.01 -0.88 -21.23
CA ALA A 396 -17.70 -1.32 -21.71
C ALA A 396 -17.87 -2.66 -22.46
N GLU A 397 -17.11 -2.81 -23.56
CA GLU A 397 -17.22 -4.03 -24.37
C GLU A 397 -15.84 -4.63 -24.60
N VAL A 398 -15.76 -5.97 -24.67
CA VAL A 398 -14.51 -6.64 -24.97
C VAL A 398 -14.77 -7.81 -25.94
N TRP A 399 -13.73 -8.22 -26.67
CA TRP A 399 -13.85 -9.41 -27.49
C TRP A 399 -13.42 -10.54 -26.57
N THR A 400 -14.30 -11.51 -26.32
CA THR A 400 -13.97 -12.66 -25.49
C THR A 400 -12.90 -13.54 -26.18
N LYS A 401 -12.29 -14.47 -25.43
CA LYS A 401 -11.34 -15.44 -25.97
C LYS A 401 -11.96 -16.32 -27.08
N TYR A 402 -13.31 -16.37 -27.16
CA TYR A 402 -14.04 -17.11 -28.20
C TYR A 402 -14.24 -16.30 -29.50
N GLY A 403 -13.97 -15.00 -29.47
CA GLY A 403 -14.12 -14.13 -30.63
C GLY A 403 -15.44 -13.41 -30.70
N GLU A 404 -16.20 -13.35 -29.60
CA GLU A 404 -17.50 -12.69 -29.52
C GLU A 404 -17.39 -11.32 -28.81
N LYS A 405 -18.08 -10.29 -29.32
CA LYS A 405 -18.07 -8.98 -28.68
C LYS A 405 -19.14 -9.00 -27.59
N ARG A 406 -18.74 -8.80 -26.32
CA ARG A 406 -19.67 -8.83 -25.20
C ARG A 406 -19.53 -7.63 -24.26
N VAL A 407 -20.62 -7.27 -23.59
CA VAL A 407 -20.65 -6.21 -22.59
C VAL A 407 -20.01 -6.78 -21.30
N LEU A 408 -19.14 -6.01 -20.68
CA LEU A 408 -18.46 -6.39 -19.44
C LEU A 408 -19.47 -6.28 -18.30
N LYS A 409 -19.82 -7.41 -17.69
CA LYS A 409 -20.86 -7.45 -16.67
C LYS A 409 -20.50 -8.56 -15.69
N PRO A 410 -19.51 -8.32 -14.81
CA PRO A 410 -19.02 -9.42 -13.95
C PRO A 410 -20.02 -9.89 -12.91
N ARG A 411 -20.00 -11.20 -12.62
CA ARG A 411 -20.90 -11.82 -11.64
C ARG A 411 -20.73 -11.16 -10.25
N TRP A 412 -19.48 -10.76 -9.91
CA TRP A 412 -19.16 -10.02 -8.68
C TRP A 412 -18.53 -8.71 -9.13
N MET A 413 -19.03 -7.62 -8.57
CA MET A 413 -18.58 -6.30 -8.95
C MET A 413 -17.67 -5.72 -7.87
N ASP A 414 -16.41 -5.49 -8.22
CA ASP A 414 -15.46 -4.84 -7.35
C ASP A 414 -15.03 -3.52 -8.03
N ALA A 415 -15.45 -2.37 -7.48
CA ALA A 415 -15.20 -1.03 -8.02
C ALA A 415 -13.74 -0.73 -8.29
N ARG A 416 -12.83 -1.43 -7.62
CA ARG A 416 -11.40 -1.24 -7.85
C ARG A 416 -10.92 -1.68 -9.24
N VAL A 417 -11.68 -2.57 -9.92
CA VAL A 417 -11.27 -3.00 -11.27
C VAL A 417 -11.58 -1.95 -12.33
N CYS A 418 -12.33 -0.88 -12.01
CA CYS A 418 -12.67 0.16 -12.97
C CYS A 418 -12.61 1.56 -12.36
N SER A 419 -11.80 1.78 -11.31
CA SER A 419 -11.74 3.10 -10.65
C SER A 419 -11.01 4.19 -11.44
N ASP A 420 -10.22 3.79 -12.42
CA ASP A 420 -9.52 4.70 -13.31
C ASP A 420 -9.31 4.02 -14.67
N HIS A 421 -8.86 4.77 -15.70
CA HIS A 421 -8.65 4.22 -17.06
C HIS A 421 -7.67 3.05 -17.03
N ALA A 422 -6.55 3.19 -16.31
CA ALA A 422 -5.55 2.12 -16.23
C ALA A 422 -6.13 0.83 -15.66
N ALA A 423 -6.90 0.90 -14.55
CA ALA A 423 -7.49 -0.30 -13.95
C ALA A 423 -8.51 -0.96 -14.91
N LEU A 424 -9.40 -0.17 -15.52
CA LEU A 424 -10.38 -0.73 -16.45
C LEU A 424 -9.71 -1.41 -17.67
N LYS A 425 -8.63 -0.81 -18.19
CA LYS A 425 -7.90 -1.41 -19.31
C LYS A 425 -7.31 -2.77 -18.90
N SER A 426 -6.76 -2.89 -17.67
CA SER A 426 -6.18 -4.15 -17.19
C SER A 426 -7.31 -5.21 -17.00
N PHE A 427 -8.46 -4.79 -16.49
CA PHE A 427 -9.59 -5.72 -16.28
C PHE A 427 -10.20 -6.20 -17.61
N LYS A 428 -10.29 -5.32 -18.61
CA LYS A 428 -10.74 -5.70 -19.96
C LYS A 428 -9.80 -6.78 -20.54
N GLU A 429 -8.48 -6.62 -20.39
CA GLU A 429 -7.47 -7.58 -20.85
C GLU A 429 -7.65 -8.95 -20.16
N PHE A 430 -7.94 -8.92 -18.84
CA PHE A 430 -8.22 -10.13 -18.06
C PHE A 430 -9.51 -10.82 -18.56
N ALA A 431 -10.61 -10.05 -18.70
CA ALA A 431 -11.87 -10.62 -19.19
C ALA A 431 -11.74 -11.25 -20.60
N ALA A 432 -10.85 -10.70 -21.43
CA ALA A 432 -10.61 -11.20 -22.80
C ALA A 432 -9.66 -12.43 -22.84
N GLY A 433 -9.15 -12.86 -21.68
CA GLY A 433 -8.22 -13.99 -21.55
C GLY A 433 -6.80 -13.68 -21.99
N LYS A 434 -6.40 -12.41 -21.93
CA LYS A 434 -5.06 -12.00 -22.35
C LYS A 434 -3.94 -12.26 -21.31
N ARG A 435 -4.31 -12.73 -20.11
CA ARG A 435 -3.33 -13.12 -19.09
C ARG A 435 -3.92 -14.10 -18.07
#